data_7JJ9
#
_entry.id   7JJ9
#
_cell.length_a   60.109
_cell.length_b   44.362
_cell.length_c   92.627
_cell.angle_alpha   90.000
_cell.angle_beta   106.825
_cell.angle_gamma   90.000
#
_symmetry.space_group_name_H-M   'P 1 21 1'
#
loop_
_entity.id
_entity.type
_entity.pdbx_description
1 polymer 'Zinc-binding lipoprotein AdcA'
2 non-polymer 'ZINC ION'
3 non-polymer 'CHLORIDE ION'
4 water water
#
_entity_poly.entity_id   1
_entity_poly.type   'polypeptide(L)'
_entity_poly.pdbx_seq_one_letter_code
;GKLNIVTTFYPVYEFTKQVAGDTANVELLIGAGTEPHEYEPSAKAVAKIQDADTFVYENENMETWVPKLLDTLDKKKVKT
IKATGDMLLLPGGEEEEGDHDHGEEGHHHEFDPHVWLSPVRAIKLVEHIRDSLSADYPDKKETFEKNAAAYIEKLQSLDK
AYAEGLSQAKQKSFVTQHAAFNYLALDYGLKQVAISGLSPDAEPSAARLAELTEYVKKNKIAYIYFEENASQALANTLSK
EAGVKTDVLNPLESLTEEDTKAGENYISVMEKNLKALKQTTDQEGPAIEPEKAEDTKTVQNGYFEDAAVKDRTLSDYAGN
WQSVYPFLEDGTFDQVFDYKAKLTGKMTQAEYKAYYTKGYQTDVTKINITDNTMEFVQGGQSKKYTYKYVGKKILTYKKG
NRGVRFLFEATDADAGQFKYVQFSDHNIAPVKAEHFHIFFGGTSQETLFEEMDNWPTYYPDNLSGQEIAQEMLAH
;
_entity_poly.pdbx_strand_id   A
#
# COMPACT_ATOMS: atom_id res chain seq x y z
N GLY A 1 -3.74 -27.14 -27.30
CA GLY A 1 -2.41 -27.35 -26.69
C GLY A 1 -2.23 -26.63 -25.36
N LYS A 2 -0.98 -26.43 -24.95
CA LYS A 2 -0.71 -25.70 -23.72
C LYS A 2 -1.04 -24.22 -23.89
N LEU A 3 -1.50 -23.61 -22.80
CA LEU A 3 -1.71 -22.17 -22.77
C LEU A 3 -0.39 -21.45 -23.00
N ASN A 4 -0.46 -20.37 -23.76
CA ASN A 4 0.67 -19.46 -23.96
C ASN A 4 0.49 -18.31 -22.96
N ILE A 5 1.20 -18.37 -21.84
CA ILE A 5 1.09 -17.38 -20.78
C ILE A 5 2.36 -16.54 -20.79
N VAL A 6 2.19 -15.22 -20.94
CA VAL A 6 3.30 -14.27 -20.83
C VAL A 6 3.23 -13.61 -19.46
N THR A 7 4.37 -13.64 -18.75
CA THR A 7 4.51 -12.98 -17.46
C THR A 7 5.61 -11.93 -17.57
N THR A 8 5.62 -11.00 -16.62
CA THR A 8 6.53 -9.87 -16.71
C THR A 8 7.91 -10.17 -16.14
N PHE A 9 8.08 -10.21 -14.83
CA PHE A 9 9.38 -10.43 -14.23
C PHE A 9 9.31 -11.55 -13.20
N TYR A 10 10.48 -11.86 -12.64
CA TYR A 10 10.73 -13.18 -12.05
C TYR A 10 9.64 -13.68 -11.12
N PRO A 11 9.22 -12.96 -10.06
CA PRO A 11 8.24 -13.59 -9.14
C PRO A 11 6.91 -13.85 -9.80
N VAL A 12 6.52 -13.04 -10.77
CA VAL A 12 5.27 -13.25 -11.48
C VAL A 12 5.37 -14.53 -12.29
N TYR A 13 6.51 -14.70 -12.97
CA TYR A 13 6.82 -15.91 -13.69
C TYR A 13 6.77 -17.12 -12.78
N GLU A 14 7.51 -17.09 -11.66
CA GLU A 14 7.58 -18.24 -10.78
C GLU A 14 6.22 -18.58 -10.20
N PHE A 15 5.50 -17.58 -9.71
CA PHE A 15 4.23 -17.89 -9.07
C PHE A 15 3.25 -18.43 -10.10
N THR A 16 3.28 -17.88 -11.33
CA THR A 16 2.39 -18.37 -12.36
C THR A 16 2.76 -19.80 -12.77
N LYS A 17 4.05 -20.11 -12.92
CA LYS A 17 4.45 -21.48 -13.24
C LYS A 17 4.05 -22.44 -12.15
N GLN A 18 4.15 -22.02 -10.89
CA GLN A 18 3.78 -22.91 -9.79
C GLN A 18 2.31 -23.27 -9.87
N VAL A 19 1.46 -22.32 -10.28
CA VAL A 19 0.01 -22.58 -10.37
C VAL A 19 -0.32 -23.32 -11.66
N ALA A 20 0.23 -22.87 -12.77
CA ALA A 20 -0.19 -23.43 -14.06
C ALA A 20 0.43 -24.80 -14.32
N GLY A 21 1.65 -25.03 -13.86
CA GLY A 21 2.32 -26.30 -14.09
C GLY A 21 2.30 -26.75 -15.54
N ASP A 22 1.94 -28.01 -15.76
CA ASP A 22 2.02 -28.53 -17.13
C ASP A 22 0.84 -28.11 -18.02
N THR A 23 -0.07 -27.24 -17.56
CA THR A 23 -1.13 -26.70 -18.42
C THR A 23 -0.64 -25.59 -19.34
N ALA A 24 0.58 -25.09 -19.17
CA ALA A 24 0.99 -23.86 -19.82
C ALA A 24 2.49 -23.84 -20.12
N ASN A 25 2.81 -23.13 -21.19
CA ASN A 25 4.15 -22.66 -21.46
C ASN A 25 4.20 -21.23 -20.92
N VAL A 26 4.96 -21.02 -19.85
CA VAL A 26 5.03 -19.70 -19.21
C VAL A 26 6.31 -19.01 -19.65
N GLU A 27 6.16 -17.83 -20.23
CA GLU A 27 7.26 -17.03 -20.74
C GLU A 27 7.59 -15.90 -19.77
N LEU A 28 8.89 -15.65 -19.61
CA LEU A 28 9.41 -14.51 -18.87
C LEU A 28 9.72 -13.37 -19.83
N LEU A 29 8.94 -12.30 -19.77
CA LEU A 29 9.12 -11.19 -20.70
C LEU A 29 10.40 -10.41 -20.41
N ILE A 30 10.70 -10.18 -19.13
CA ILE A 30 11.82 -9.35 -18.70
C ILE A 30 12.95 -10.27 -18.22
N GLY A 31 14.00 -10.36 -19.01
CA GLY A 31 15.08 -11.29 -18.69
C GLY A 31 15.94 -10.82 -17.55
N ALA A 32 16.68 -11.77 -16.97
CA ALA A 32 17.43 -11.50 -15.74
C ALA A 32 18.40 -10.33 -15.90
N GLY A 33 18.88 -10.11 -17.13
CA GLY A 33 19.86 -9.05 -17.39
C GLY A 33 19.30 -7.64 -17.38
N THR A 34 17.98 -7.48 -17.26
CA THR A 34 17.31 -6.18 -17.32
C THR A 34 16.68 -5.90 -15.98
N GLU A 35 16.95 -4.74 -15.44
CA GLU A 35 16.36 -4.37 -14.17
C GLU A 35 14.87 -4.13 -14.42
N PRO A 36 13.96 -4.88 -13.76
CA PRO A 36 12.54 -4.73 -14.11
C PRO A 36 11.95 -3.35 -13.92
N HIS A 37 12.45 -2.59 -12.95
CA HIS A 37 11.93 -1.23 -12.79
C HIS A 37 12.25 -0.34 -13.98
N GLU A 38 13.28 -0.67 -14.76
CA GLU A 38 13.71 0.14 -15.89
C GLU A 38 13.18 -0.37 -17.21
N TYR A 39 12.59 -1.56 -17.23
CA TYR A 39 12.10 -2.16 -18.47
C TYR A 39 11.03 -1.32 -19.15
N GLU A 40 11.13 -1.22 -20.49
CA GLU A 40 10.08 -0.63 -21.33
C GLU A 40 9.80 -1.59 -22.46
N PRO A 41 8.54 -1.92 -22.74
CA PRO A 41 8.25 -2.87 -23.81
C PRO A 41 8.51 -2.27 -25.19
N SER A 42 9.10 -3.08 -26.03
CA SER A 42 9.24 -2.78 -27.43
C SER A 42 7.93 -3.06 -28.15
N ALA A 43 7.86 -2.66 -29.42
CA ALA A 43 6.70 -3.03 -30.22
C ALA A 43 6.56 -4.55 -30.30
N LYS A 44 7.68 -5.28 -30.45
CA LYS A 44 7.62 -6.74 -30.48
C LYS A 44 7.11 -7.29 -29.16
N ALA A 45 7.53 -6.71 -28.04
CA ALA A 45 7.05 -7.18 -26.74
C ALA A 45 5.55 -6.99 -26.63
N VAL A 46 5.05 -5.82 -27.02
CA VAL A 46 3.61 -5.55 -26.97
C VAL A 46 2.87 -6.55 -27.85
N ALA A 47 3.41 -6.84 -29.04
CA ALA A 47 2.79 -7.84 -29.89
C ALA A 47 2.73 -9.20 -29.20
N LYS A 48 3.81 -9.59 -28.53
CA LYS A 48 3.85 -10.87 -27.85
C LYS A 48 2.79 -10.94 -26.75
N ILE A 49 2.61 -9.85 -26.00
CA ILE A 49 1.57 -9.80 -24.97
C ILE A 49 0.19 -9.87 -25.60
N GLN A 50 -0.02 -9.10 -26.67
CA GLN A 50 -1.35 -9.02 -27.27
C GLN A 50 -1.78 -10.35 -27.84
N ASP A 51 -0.82 -11.19 -28.24
CA ASP A 51 -1.09 -12.46 -28.87
C ASP A 51 -1.08 -13.63 -27.89
N ALA A 52 -0.87 -13.38 -26.61
CA ALA A 52 -0.83 -14.46 -25.64
C ALA A 52 -2.26 -14.94 -25.30
N ASP A 53 -2.34 -16.13 -24.70
CA ASP A 53 -3.60 -16.53 -24.11
C ASP A 53 -3.88 -15.75 -22.82
N THR A 54 -2.86 -15.60 -21.99
CA THR A 54 -2.97 -14.93 -20.70
C THR A 54 -1.71 -14.08 -20.52
N PHE A 55 -1.90 -12.89 -19.96
CA PHE A 55 -0.81 -11.99 -19.59
C PHE A 55 -0.92 -11.70 -18.09
N VAL A 56 0.17 -11.94 -17.36
CA VAL A 56 0.21 -11.72 -15.92
C VAL A 56 1.27 -10.67 -15.61
N TYR A 57 0.86 -9.65 -14.89
CA TYR A 57 1.75 -8.64 -14.37
C TYR A 57 1.51 -8.51 -12.89
N GLU A 58 2.45 -7.88 -12.21
CA GLU A 58 2.34 -7.80 -10.76
C GLU A 58 1.39 -6.71 -10.30
N ASN A 59 1.64 -5.47 -10.72
CA ASN A 59 0.84 -4.34 -10.28
C ASN A 59 1.23 -3.12 -11.08
N GLU A 60 0.27 -2.25 -11.34
CA GLU A 60 0.56 -1.04 -12.11
C GLU A 60 1.59 -0.13 -11.41
N ASN A 61 1.81 -0.31 -10.11
CA ASN A 61 2.80 0.48 -9.40
C ASN A 61 4.21 -0.09 -9.56
N MET A 62 4.32 -1.23 -10.23
CA MET A 62 5.60 -1.87 -10.55
C MET A 62 5.85 -1.74 -12.04
N GLU A 63 5.04 -2.42 -12.85
CA GLU A 63 5.13 -2.33 -14.31
C GLU A 63 4.28 -1.13 -14.70
N THR A 64 4.88 0.06 -14.59
CA THR A 64 4.15 1.31 -14.78
C THR A 64 3.72 1.51 -16.22
N TRP A 65 4.27 0.73 -17.16
CA TRP A 65 3.90 0.73 -18.57
C TRP A 65 2.63 -0.07 -18.85
N VAL A 66 2.12 -0.82 -17.89
CA VAL A 66 0.97 -1.68 -18.17
C VAL A 66 -0.31 -0.88 -18.35
N PRO A 67 -0.61 0.15 -17.56
CA PRO A 67 -1.89 0.87 -17.77
C PRO A 67 -2.14 1.32 -19.20
N LYS A 68 -1.13 1.87 -19.87
CA LYS A 68 -1.32 2.32 -21.25
C LYS A 68 -1.60 1.14 -22.18
N LEU A 69 -1.09 -0.04 -21.87
CA LEU A 69 -1.35 -1.19 -22.72
C LEU A 69 -2.76 -1.75 -22.53
N LEU A 70 -3.33 -1.59 -21.35
CA LEU A 70 -4.60 -2.26 -21.06
C LEU A 70 -5.75 -1.73 -21.92
N ASP A 71 -5.73 -0.46 -22.30
CA ASP A 71 -6.86 0.04 -23.06
C ASP A 71 -7.05 -0.76 -24.35
N THR A 72 -5.94 -1.14 -24.99
CA THR A 72 -6.02 -1.95 -26.23
C THR A 72 -6.09 -3.43 -25.88
N LEU A 73 -5.33 -3.90 -24.90
CA LEU A 73 -5.39 -5.31 -24.50
C LEU A 73 -6.82 -5.71 -24.15
N ASP A 74 -7.57 -4.79 -23.53
CA ASP A 74 -8.93 -5.11 -23.14
C ASP A 74 -9.80 -5.42 -24.35
N LYS A 75 -9.34 -5.08 -25.55
CA LYS A 75 -10.04 -5.37 -26.79
C LYS A 75 -9.55 -6.63 -27.49
N LYS A 76 -8.46 -7.25 -27.03
CA LYS A 76 -7.84 -8.40 -27.65
C LYS A 76 -8.25 -9.67 -26.91
N LYS A 77 -7.85 -10.83 -27.43
CA LYS A 77 -8.32 -12.05 -26.80
C LYS A 77 -7.58 -12.38 -25.52
N VAL A 78 -6.38 -11.81 -25.32
CA VAL A 78 -5.56 -12.14 -24.15
C VAL A 78 -6.30 -11.78 -22.87
N LYS A 79 -6.27 -12.69 -21.91
CA LYS A 79 -6.90 -12.50 -20.62
C LYS A 79 -5.81 -12.03 -19.65
N THR A 80 -6.04 -10.90 -19.03
CA THR A 80 -5.02 -10.29 -18.18
C THR A 80 -5.29 -10.59 -16.72
N ILE A 81 -4.20 -10.72 -15.95
CA ILE A 81 -4.24 -10.97 -14.52
C ILE A 81 -3.27 -10.00 -13.87
N LYS A 82 -3.77 -9.25 -12.86
CA LYS A 82 -2.95 -8.43 -11.97
C LYS A 82 -2.70 -9.26 -10.72
N ALA A 83 -1.45 -9.68 -10.52
CA ALA A 83 -1.17 -10.70 -9.53
C ALA A 83 -1.62 -10.29 -8.13
N THR A 84 -1.50 -9.01 -7.77
CA THR A 84 -1.81 -8.62 -6.40
C THR A 84 -3.31 -8.62 -6.13
N GLY A 85 -4.16 -8.70 -7.14
CA GLY A 85 -5.59 -8.83 -6.90
C GLY A 85 -6.13 -7.68 -6.09
N ASP A 86 -6.81 -7.99 -4.98
CA ASP A 86 -7.40 -6.96 -4.14
C ASP A 86 -6.48 -6.52 -3.01
N MET A 87 -5.19 -6.82 -3.10
CA MET A 87 -4.29 -6.39 -2.04
C MET A 87 -4.14 -4.87 -2.08
N LEU A 88 -4.29 -4.26 -0.91
CA LEU A 88 -4.05 -2.84 -0.75
C LEU A 88 -2.58 -2.57 -0.52
N LEU A 89 -2.12 -1.44 -1.04
CA LEU A 89 -0.73 -1.02 -0.99
C LEU A 89 -0.57 0.23 -0.13
N LEU A 90 0.65 0.45 0.34
CA LEU A 90 1.05 1.67 1.03
C LEU A 90 1.88 2.55 0.12
N PRO A 91 1.91 3.86 0.37
CA PRO A 91 2.79 4.75 -0.39
C PRO A 91 4.26 4.35 -0.24
N GLY A 92 5.03 4.67 -1.27
CA GLY A 92 6.46 4.53 -1.21
C GLY A 92 7.11 5.75 -0.59
N GLY A 93 8.44 5.72 -0.51
CA GLY A 93 9.23 6.82 0.08
C GLY A 93 8.89 8.14 -0.56
N HIS A 108 6.35 6.83 -13.13
CA HIS A 108 5.90 7.33 -11.80
C HIS A 108 4.84 6.38 -11.25
N HIS A 109 4.66 6.38 -9.95
CA HIS A 109 3.69 5.50 -9.31
C HIS A 109 3.43 6.01 -7.91
N GLU A 110 2.18 5.84 -7.46
CA GLU A 110 1.76 6.34 -6.17
C GLU A 110 2.18 5.44 -5.01
N PHE A 111 2.26 4.13 -5.24
CA PHE A 111 2.36 3.18 -4.15
C PHE A 111 3.56 2.26 -4.31
N ASP A 112 3.95 1.65 -3.19
CA ASP A 112 5.08 0.73 -3.15
C ASP A 112 4.57 -0.64 -3.57
N PRO A 113 5.08 -1.23 -4.66
CA PRO A 113 4.53 -2.49 -5.16
C PRO A 113 5.08 -3.75 -4.52
N HIS A 114 6.08 -3.65 -3.66
CA HIS A 114 6.94 -4.78 -3.33
C HIS A 114 6.32 -5.78 -2.34
N VAL A 115 5.03 -6.11 -2.48
CA VAL A 115 4.40 -7.01 -1.52
C VAL A 115 4.95 -8.44 -1.54
N TRP A 116 5.60 -8.86 -2.63
CA TRP A 116 5.97 -10.28 -2.72
C TRP A 116 7.19 -10.64 -1.85
N LEU A 117 7.87 -9.67 -1.23
CA LEU A 117 8.95 -9.96 -0.29
C LEU A 117 8.44 -10.29 1.12
N SER A 118 7.12 -10.34 1.33
CA SER A 118 6.52 -10.90 2.55
C SER A 118 5.96 -12.26 2.23
N PRO A 119 6.47 -13.35 2.82
CA PRO A 119 5.94 -14.67 2.45
C PRO A 119 4.42 -14.80 2.59
N VAL A 120 3.82 -14.22 3.63
CA VAL A 120 2.38 -14.34 3.78
C VAL A 120 1.64 -13.60 2.63
N ARG A 121 2.22 -12.53 2.08
CA ARG A 121 1.62 -11.86 0.93
C ARG A 121 1.84 -12.64 -0.34
N ALA A 122 2.99 -13.31 -0.49
CA ALA A 122 3.19 -14.16 -1.64
C ALA A 122 2.08 -15.19 -1.75
N ILE A 123 1.62 -15.73 -0.62
CA ILE A 123 0.50 -16.66 -0.64
C ILE A 123 -0.71 -16.01 -1.30
N LYS A 124 -1.00 -14.76 -0.96
CA LYS A 124 -2.17 -14.08 -1.53
C LYS A 124 -2.03 -13.89 -3.05
N LEU A 125 -0.82 -13.59 -3.55
CA LEU A 125 -0.65 -13.49 -5.00
C LEU A 125 -0.87 -14.84 -5.66
N VAL A 126 -0.31 -15.90 -5.09
CA VAL A 126 -0.53 -17.23 -5.64
C VAL A 126 -2.01 -17.57 -5.65
N GLU A 127 -2.70 -17.30 -4.54
CA GLU A 127 -4.14 -17.54 -4.49
C GLU A 127 -4.87 -16.78 -5.59
N HIS A 128 -4.53 -15.51 -5.78
CA HIS A 128 -5.23 -14.73 -6.78
C HIS A 128 -4.94 -15.25 -8.18
N ILE A 129 -3.70 -15.66 -8.46
CA ILE A 129 -3.40 -16.19 -9.79
C ILE A 129 -4.21 -17.47 -10.03
N ARG A 130 -4.26 -18.35 -9.02
CA ARG A 130 -5.14 -19.52 -9.08
C ARG A 130 -6.58 -19.12 -9.39
N ASP A 131 -7.11 -18.16 -8.62
CA ASP A 131 -8.52 -17.79 -8.77
C ASP A 131 -8.81 -17.30 -10.18
N SER A 132 -7.93 -16.43 -10.70
CA SER A 132 -8.15 -15.83 -12.01
C SER A 132 -7.97 -16.84 -13.12
N LEU A 133 -6.93 -17.68 -13.04
CA LEU A 133 -6.78 -18.72 -14.06
C LEU A 133 -7.95 -19.69 -14.00
N SER A 134 -8.45 -20.00 -12.80
CA SER A 134 -9.57 -20.93 -12.66
C SER A 134 -10.84 -20.34 -13.28
N ALA A 135 -11.04 -19.03 -13.13
CA ALA A 135 -12.16 -18.37 -13.78
C ALA A 135 -11.98 -18.33 -15.29
N ASP A 136 -10.74 -18.12 -15.76
CA ASP A 136 -10.49 -17.97 -17.19
C ASP A 136 -10.48 -19.29 -17.94
N TYR A 137 -10.10 -20.38 -17.27
CA TYR A 137 -10.01 -21.70 -17.90
C TYR A 137 -10.65 -22.71 -16.96
N PRO A 138 -11.98 -22.68 -16.84
CA PRO A 138 -12.64 -23.52 -15.81
C PRO A 138 -12.35 -25.01 -15.93
N ASP A 139 -12.10 -25.52 -17.14
CA ASP A 139 -11.79 -26.92 -17.35
C ASP A 139 -10.48 -27.36 -16.71
N LYS A 140 -9.64 -26.43 -16.28
CA LYS A 140 -8.37 -26.73 -15.65
C LYS A 140 -8.35 -26.36 -14.17
N LYS A 141 -9.49 -25.92 -13.62
CA LYS A 141 -9.50 -25.37 -12.26
C LYS A 141 -8.99 -26.37 -11.24
N GLU A 142 -9.28 -27.66 -11.42
CA GLU A 142 -8.79 -28.61 -10.42
C GLU A 142 -7.27 -28.72 -10.45
N THR A 143 -6.66 -28.58 -11.63
CA THR A 143 -5.19 -28.58 -11.69
C THR A 143 -4.61 -27.32 -11.04
N PHE A 144 -5.12 -26.14 -11.42
CA PHE A 144 -4.66 -24.89 -10.80
C PHE A 144 -4.80 -24.96 -9.30
N GLU A 145 -5.95 -25.43 -8.82
CA GLU A 145 -6.20 -25.45 -7.38
C GLU A 145 -5.22 -26.38 -6.68
N LYS A 146 -4.94 -27.53 -7.31
CA LYS A 146 -4.01 -28.51 -6.75
C LYS A 146 -2.57 -27.99 -6.72
N ASN A 147 -2.13 -27.39 -7.83
CA ASN A 147 -0.76 -26.89 -7.91
C ASN A 147 -0.56 -25.75 -6.92
N ALA A 148 -1.52 -24.82 -6.90
CA ALA A 148 -1.45 -23.70 -5.96
C ALA A 148 -1.38 -24.20 -4.52
N ALA A 149 -2.25 -25.15 -4.17
CA ALA A 149 -2.26 -25.59 -2.77
C ALA A 149 -0.92 -26.17 -2.35
N ALA A 150 -0.26 -26.92 -3.23
CA ALA A 150 1.04 -27.50 -2.90
C ALA A 150 2.12 -26.41 -2.76
N TYR A 151 2.09 -25.39 -3.63
CA TYR A 151 3.08 -24.33 -3.48
C TYR A 151 2.77 -23.49 -2.25
N ILE A 152 1.49 -23.27 -1.94
CA ILE A 152 1.13 -22.49 -0.75
C ILE A 152 1.62 -23.20 0.52
N GLU A 153 1.59 -24.55 0.54
CA GLU A 153 2.18 -25.27 1.68
C GLU A 153 3.63 -24.88 1.89
N LYS A 154 4.42 -24.79 0.81
CA LYS A 154 5.82 -24.39 0.94
C LYS A 154 5.95 -22.94 1.40
N LEU A 155 5.07 -22.06 0.91
CA LEU A 155 5.10 -20.66 1.34
C LEU A 155 4.73 -20.53 2.80
N GLN A 156 3.80 -21.37 3.27
CA GLN A 156 3.43 -21.37 4.67
C GLN A 156 4.61 -21.75 5.56
N SER A 157 5.40 -22.74 5.14
CA SER A 157 6.62 -23.08 5.88
C SER A 157 7.61 -21.93 5.85
N LEU A 158 7.70 -21.22 4.73
CA LEU A 158 8.57 -20.06 4.67
C LEU A 158 8.10 -18.97 5.64
N ASP A 159 6.79 -18.73 5.68
CA ASP A 159 6.21 -17.77 6.62
C ASP A 159 6.58 -18.15 8.05
N LYS A 160 6.43 -19.42 8.40
CA LYS A 160 6.78 -19.89 9.75
C LYS A 160 8.26 -19.64 10.06
N ALA A 161 9.15 -19.93 9.09
CA ALA A 161 10.57 -19.68 9.30
C ALA A 161 10.85 -18.21 9.51
N TYR A 162 10.16 -17.34 8.75
CA TYR A 162 10.32 -15.90 8.92
C TYR A 162 9.91 -15.45 10.30
N ALA A 163 8.74 -15.87 10.74
CA ALA A 163 8.24 -15.48 12.05
C ALA A 163 9.16 -15.98 13.15
N GLU A 164 9.61 -17.22 13.04
CA GLU A 164 10.48 -17.77 14.08
C GLU A 164 11.84 -17.09 14.10
N GLY A 165 12.33 -16.66 12.95
CA GLY A 165 13.65 -16.11 12.86
C GLY A 165 13.73 -14.62 13.11
N LEU A 166 12.58 -13.94 13.06
CA LEU A 166 12.53 -12.49 13.24
C LEU A 166 11.74 -12.05 14.47
N SER A 167 10.90 -12.91 15.06
CA SER A 167 10.05 -12.43 16.16
C SER A 167 10.88 -12.00 17.37
N GLN A 168 12.05 -12.59 17.57
CA GLN A 168 12.91 -12.23 18.71
C GLN A 168 13.99 -11.22 18.34
N ALA A 169 13.85 -10.51 17.22
CA ALA A 169 14.81 -9.49 16.85
C ALA A 169 15.10 -8.55 18.01
N LYS A 170 16.38 -8.30 18.25
CA LYS A 170 16.83 -7.35 19.26
C LYS A 170 16.93 -5.95 18.69
N GLN A 171 17.19 -5.85 17.39
CA GLN A 171 17.35 -4.58 16.72
C GLN A 171 16.59 -4.71 15.42
N LYS A 172 15.50 -3.94 15.30
CA LYS A 172 14.52 -4.16 14.24
C LYS A 172 14.84 -3.44 12.95
N SER A 173 15.72 -2.45 12.94
CA SER A 173 15.94 -1.63 11.76
C SER A 173 17.09 -2.19 10.93
N PHE A 174 16.95 -2.04 9.60
CA PHE A 174 17.98 -2.49 8.66
C PHE A 174 18.01 -1.51 7.49
N VAL A 175 19.20 -1.31 6.93
CA VAL A 175 19.45 -0.31 5.90
C VAL A 175 19.62 -1.01 4.56
N THR A 176 18.78 -0.63 3.58
CA THR A 176 18.79 -1.29 2.29
C THR A 176 18.87 -0.27 1.15
N GLN A 177 19.73 -0.59 0.18
CA GLN A 177 19.90 0.22 -1.02
C GLN A 177 18.71 0.10 -1.96
N HIS A 178 18.00 -1.02 -1.90
CA HIS A 178 16.77 -1.22 -2.67
C HIS A 178 15.62 -1.36 -1.69
N ALA A 179 14.66 -0.45 -1.75
CA ALA A 179 13.59 -0.36 -0.75
C ALA A 179 12.44 -1.29 -1.09
N ALA A 180 12.73 -2.60 -1.12
CA ALA A 180 11.76 -3.62 -1.49
C ALA A 180 11.17 -4.35 -0.29
N PHE A 181 11.50 -3.94 0.93
CA PHE A 181 11.31 -4.80 2.09
C PHE A 181 10.42 -4.15 3.14
N ASN A 182 9.64 -3.15 2.76
CA ASN A 182 8.75 -2.52 3.74
C ASN A 182 7.61 -3.43 4.16
N TYR A 183 7.04 -4.23 3.23
CA TYR A 183 5.97 -5.13 3.61
C TYR A 183 6.52 -6.28 4.43
N LEU A 184 7.70 -6.82 4.08
CA LEU A 184 8.38 -7.77 4.95
C LEU A 184 8.50 -7.20 6.35
N ALA A 185 9.00 -5.97 6.45
CA ALA A 185 9.19 -5.34 7.75
C ALA A 185 7.87 -5.22 8.50
N LEU A 186 6.83 -4.73 7.83
CA LEU A 186 5.57 -4.54 8.55
C LEU A 186 4.99 -5.85 9.02
N ASP A 187 5.08 -6.89 8.20
CA ASP A 187 4.41 -8.13 8.54
C ASP A 187 5.20 -8.98 9.54
N TYR A 188 6.51 -8.72 9.72
CA TYR A 188 7.32 -9.53 10.63
C TYR A 188 7.99 -8.71 11.74
N GLY A 189 7.59 -7.46 11.92
CA GLY A 189 8.04 -6.68 13.08
C GLY A 189 9.39 -6.01 12.94
N LEU A 190 9.84 -5.72 11.72
CA LEU A 190 11.07 -4.99 11.51
C LEU A 190 10.76 -3.57 11.06
N LYS A 191 11.82 -2.84 10.69
CA LYS A 191 11.71 -1.46 10.24
C LYS A 191 12.71 -1.25 9.11
N GLN A 192 12.20 -1.13 7.88
CA GLN A 192 13.07 -0.82 6.76
C GLN A 192 13.55 0.62 6.81
N VAL A 193 14.85 0.81 6.61
CA VAL A 193 15.46 2.13 6.45
C VAL A 193 16.11 2.14 5.07
N ALA A 194 15.46 2.81 4.13
CA ALA A 194 16.02 2.93 2.80
C ALA A 194 17.16 3.93 2.78
N ILE A 195 18.16 3.65 1.96
CA ILE A 195 19.26 4.58 1.75
C ILE A 195 19.32 4.88 0.25
N SER A 196 19.63 6.13 -0.08
CA SER A 196 19.58 6.67 -1.42
C SER A 196 20.96 6.84 -2.01
N GLY A 197 21.00 6.83 -3.35
CA GLY A 197 22.18 7.25 -4.08
C GLY A 197 23.27 6.22 -4.16
N LEU A 198 22.94 4.96 -3.93
CA LEU A 198 23.88 3.87 -3.96
C LEU A 198 23.44 2.84 -4.98
N SER A 199 24.43 2.16 -5.53
CA SER A 199 24.22 1.11 -6.49
C SER A 199 25.29 0.06 -6.21
N PRO A 200 24.96 -1.23 -6.33
CA PRO A 200 25.96 -2.28 -6.05
C PRO A 200 27.22 -2.16 -6.90
N ASP A 201 27.13 -1.62 -8.11
CA ASP A 201 28.26 -1.68 -9.04
C ASP A 201 29.03 -0.38 -9.12
N ALA A 202 28.66 0.64 -8.37
CA ALA A 202 29.23 1.96 -8.53
C ALA A 202 29.83 2.42 -7.22
N GLU A 203 30.92 3.16 -7.33
CA GLU A 203 31.52 3.85 -6.20
C GLU A 203 30.81 5.18 -5.99
N PRO A 204 30.46 5.54 -4.76
CA PRO A 204 29.88 6.85 -4.53
C PRO A 204 30.88 7.97 -4.77
N SER A 205 30.36 9.16 -5.00
CA SER A 205 31.23 10.33 -5.05
C SER A 205 31.93 10.53 -3.71
N ALA A 206 32.99 11.32 -3.74
CA ALA A 206 33.67 11.69 -2.50
C ALA A 206 32.67 12.23 -1.49
N ALA A 207 31.78 13.12 -1.93
CA ALA A 207 30.85 13.75 -1.01
C ALA A 207 29.89 12.73 -0.44
N ARG A 208 29.34 11.88 -1.30
CA ARG A 208 28.41 10.87 -0.83
C ARG A 208 29.08 9.92 0.15
N LEU A 209 30.34 9.55 -0.13
CA LEU A 209 31.05 8.65 0.78
C LEU A 209 31.20 9.29 2.15
N ALA A 210 31.55 10.58 2.17
CA ALA A 210 31.65 11.29 3.46
C ALA A 210 30.32 11.29 4.20
N GLU A 211 29.23 11.57 3.50
CA GLU A 211 27.92 11.52 4.13
C GLU A 211 27.65 10.13 4.69
N LEU A 212 28.00 9.09 3.92
CA LEU A 212 27.74 7.72 4.38
C LEU A 212 28.58 7.38 5.60
N THR A 213 29.84 7.83 5.62
CA THR A 213 30.70 7.56 6.76
C THR A 213 30.11 8.18 8.02
N GLU A 214 29.63 9.42 7.94
CA GLU A 214 29.00 10.04 9.11
C GLU A 214 27.71 9.32 9.50
N TYR A 215 26.90 8.94 8.50
CA TYR A 215 25.63 8.26 8.79
C TYR A 215 25.86 6.93 9.50
N VAL A 216 26.84 6.16 9.03
CA VAL A 216 27.16 4.88 9.64
C VAL A 216 27.59 5.09 11.08
N LYS A 217 28.45 6.08 11.31
CA LYS A 217 28.95 6.35 12.66
C LYS A 217 27.83 6.81 13.57
N LYS A 218 26.98 7.73 13.10
CA LYS A 218 25.93 8.25 13.96
C LYS A 218 24.99 7.15 14.41
N ASN A 219 24.69 6.18 13.54
CA ASN A 219 23.69 5.16 13.82
C ASN A 219 24.30 3.80 14.10
N LYS A 220 25.62 3.70 14.19
CA LYS A 220 26.32 2.45 14.48
C LYS A 220 25.86 1.35 13.54
N ILE A 221 25.84 1.67 12.25
CA ILE A 221 25.29 0.76 11.24
C ILE A 221 26.30 -0.34 10.94
N ALA A 222 25.89 -1.59 11.13
CA ALA A 222 26.78 -2.71 10.90
C ALA A 222 26.83 -3.09 9.41
N TYR A 223 25.68 -3.09 8.75
CA TYR A 223 25.58 -3.54 7.36
C TYR A 223 24.80 -2.55 6.50
N ILE A 224 25.22 -2.44 5.24
CA ILE A 224 24.35 -1.90 4.19
C ILE A 224 24.01 -3.07 3.27
N TYR A 225 22.73 -3.31 3.09
CA TYR A 225 22.26 -4.39 2.23
C TYR A 225 21.95 -3.88 0.83
N PHE A 226 22.37 -4.66 -0.16
CA PHE A 226 22.25 -4.35 -1.58
C PHE A 226 21.42 -5.42 -2.30
N GLU A 227 20.87 -5.02 -3.46
CA GLU A 227 19.96 -5.91 -4.19
C GLU A 227 20.70 -7.11 -4.81
N GLU A 228 21.99 -6.93 -5.09
CA GLU A 228 22.93 -7.99 -5.46
C GLU A 228 24.28 -7.64 -4.85
N ASN A 229 25.24 -8.58 -4.93
CA ASN A 229 26.56 -8.37 -4.33
C ASN A 229 27.15 -7.05 -4.77
N ALA A 230 27.60 -6.26 -3.80
CA ALA A 230 28.37 -5.08 -4.13
C ALA A 230 29.64 -5.51 -4.83
N SER A 231 30.10 -4.65 -5.74
CA SER A 231 31.35 -4.89 -6.41
C SER A 231 32.47 -5.01 -5.38
N GLN A 232 33.53 -5.69 -5.76
CA GLN A 232 34.70 -5.76 -4.90
C GLN A 232 35.17 -4.37 -4.49
N ALA A 233 35.23 -3.43 -5.44
CA ALA A 233 35.71 -2.09 -5.14
C ALA A 233 34.78 -1.38 -4.13
N LEU A 234 33.47 -1.47 -4.35
CA LEU A 234 32.55 -0.79 -3.44
C LEU A 234 32.59 -1.41 -2.06
N ALA A 235 32.65 -2.74 -1.97
CA ALA A 235 32.72 -3.37 -0.66
C ALA A 235 33.98 -2.91 0.07
N ASN A 236 35.11 -2.90 -0.64
N ASN A 236 35.12 -2.89 -0.63
CA ASN A 236 36.36 -2.44 -0.04
CA ASN A 236 36.36 -2.44 0.00
C ASN A 236 36.24 -1.01 0.45
C ASN A 236 36.24 -1.00 0.46
N THR A 237 35.73 -0.12 -0.39
CA THR A 237 35.61 1.29 -0.03
C THR A 237 34.69 1.46 1.18
N LEU A 238 33.54 0.79 1.18
CA LEU A 238 32.63 0.96 2.30
C LEU A 238 33.27 0.43 3.59
N SER A 239 34.09 -0.60 3.49
CA SER A 239 34.74 -1.13 4.69
C SER A 239 35.83 -0.20 5.19
N LYS A 240 36.78 0.14 4.31
CA LYS A 240 37.95 0.90 4.77
C LYS A 240 37.65 2.39 4.98
N GLU A 241 36.69 2.96 4.26
CA GLU A 241 36.40 4.39 4.39
C GLU A 241 35.16 4.63 5.24
N ALA A 242 34.08 3.91 5.00
CA ALA A 242 32.86 4.15 5.76
C ALA A 242 32.72 3.25 6.98
N GLY A 243 33.58 2.24 7.13
CA GLY A 243 33.51 1.40 8.31
C GLY A 243 32.26 0.55 8.40
N VAL A 244 31.75 0.05 7.27
CA VAL A 244 30.52 -0.73 7.28
C VAL A 244 30.69 -1.93 6.34
N LYS A 245 30.04 -3.03 6.70
CA LYS A 245 30.02 -4.24 5.90
C LYS A 245 28.89 -4.17 4.88
N THR A 246 28.98 -5.02 3.88
CA THR A 246 27.90 -5.17 2.91
C THR A 246 27.38 -6.59 2.89
N ASP A 247 26.12 -6.70 2.53
CA ASP A 247 25.50 -8.00 2.31
C ASP A 247 24.38 -7.79 1.31
N VAL A 248 23.61 -8.84 1.07
CA VAL A 248 22.58 -8.82 0.02
C VAL A 248 21.22 -9.00 0.66
N LEU A 249 20.30 -8.10 0.34
CA LEU A 249 18.87 -8.36 0.48
C LEU A 249 18.31 -8.34 -0.94
N ASN A 250 18.03 -9.52 -1.43
CA ASN A 250 17.66 -9.74 -2.83
C ASN A 250 16.17 -9.49 -3.02
N PRO A 251 15.75 -8.51 -3.83
CA PRO A 251 14.31 -8.24 -3.99
C PRO A 251 13.61 -9.26 -4.85
N LEU A 252 14.31 -10.28 -5.32
CA LEU A 252 13.70 -11.35 -6.07
C LEU A 252 13.01 -10.83 -7.32
N GLU A 253 13.64 -9.84 -7.96
CA GLU A 253 13.13 -9.29 -9.21
C GLU A 253 13.78 -9.91 -10.43
N SER A 254 14.95 -10.51 -10.26
CA SER A 254 15.72 -11.14 -11.32
C SER A 254 16.38 -12.36 -10.72
N LEU A 255 16.45 -13.43 -11.49
CA LEU A 255 17.19 -14.62 -11.09
C LEU A 255 18.13 -14.96 -12.24
N THR A 256 19.44 -14.94 -11.99
CA THR A 256 20.38 -15.23 -13.07
C THR A 256 20.23 -16.66 -13.55
N GLU A 257 20.71 -16.91 -14.76
CA GLU A 257 20.73 -18.29 -15.27
C GLU A 257 21.59 -19.19 -14.39
N GLU A 258 22.68 -18.66 -13.87
CA GLU A 258 23.52 -19.45 -12.97
C GLU A 258 22.71 -19.89 -11.76
N ASP A 259 21.97 -18.96 -11.17
CA ASP A 259 21.18 -19.35 -10.00
C ASP A 259 20.03 -20.29 -10.40
N THR A 260 19.37 -20.03 -11.55
CA THR A 260 18.32 -20.91 -12.06
C THR A 260 18.84 -22.34 -12.22
N LYS A 261 20.00 -22.49 -12.84
CA LYS A 261 20.49 -23.83 -13.13
C LYS A 261 20.98 -24.54 -11.87
N ALA A 262 21.26 -23.80 -10.79
CA ALA A 262 21.57 -24.35 -9.47
C ALA A 262 20.32 -24.57 -8.62
N GLY A 263 19.14 -24.39 -9.21
CA GLY A 263 17.90 -24.68 -8.53
C GLY A 263 17.43 -23.62 -7.58
N GLU A 264 17.98 -22.42 -7.67
CA GLU A 264 17.49 -21.34 -6.84
C GLU A 264 16.09 -20.91 -7.29
N ASN A 265 15.33 -20.36 -6.37
CA ASN A 265 13.98 -19.93 -6.70
C ASN A 265 13.53 -18.92 -5.65
N TYR A 266 12.28 -18.46 -5.75
CA TYR A 266 11.78 -17.48 -4.80
C TYR A 266 12.04 -17.92 -3.36
N ILE A 267 11.70 -19.16 -3.03
CA ILE A 267 11.79 -19.56 -1.63
C ILE A 267 13.25 -19.60 -1.18
N SER A 268 14.17 -20.12 -2.02
CA SER A 268 15.54 -20.20 -1.57
C SER A 268 16.17 -18.82 -1.43
N VAL A 269 15.78 -17.89 -2.31
CA VAL A 269 16.21 -16.49 -2.17
C VAL A 269 15.72 -15.90 -0.87
N MET A 270 14.45 -16.17 -0.52
CA MET A 270 13.90 -15.62 0.71
C MET A 270 14.57 -16.23 1.93
N GLU A 271 14.93 -17.51 1.86
CA GLU A 271 15.70 -18.12 2.95
C GLU A 271 17.07 -17.44 3.12
N LYS A 272 17.74 -17.16 2.01
CA LYS A 272 19.01 -16.42 2.08
C LYS A 272 18.79 -15.03 2.67
N ASN A 273 17.71 -14.34 2.25
CA ASN A 273 17.41 -13.01 2.80
C ASN A 273 17.21 -13.06 4.32
N LEU A 274 16.55 -14.11 4.82
CA LEU A 274 16.36 -14.22 6.27
C LEU A 274 17.69 -14.32 6.99
N LYS A 275 18.59 -15.16 6.49
CA LYS A 275 19.93 -15.27 7.08
C LYS A 275 20.66 -13.94 7.06
N ALA A 276 20.54 -13.19 5.95
CA ALA A 276 21.23 -11.91 5.85
C ALA A 276 20.66 -10.91 6.85
N LEU A 277 19.33 -10.82 6.93
CA LEU A 277 18.69 -9.92 7.89
C LEU A 277 19.14 -10.19 9.30
N LYS A 278 19.23 -11.46 9.69
CA LYS A 278 19.50 -11.81 11.08
C LYS A 278 20.91 -11.41 11.50
N GLN A 279 21.83 -11.24 10.56
CA GLN A 279 23.13 -10.68 10.90
C GLN A 279 23.00 -9.33 11.58
N THR A 280 21.95 -8.57 11.24
CA THR A 280 21.65 -7.29 11.87
C THR A 280 20.66 -7.46 13.02
N THR A 281 19.58 -8.22 12.79
CA THR A 281 18.44 -8.14 13.69
C THR A 281 18.67 -8.90 14.99
N ASP A 282 19.61 -9.84 15.03
CA ASP A 282 19.91 -10.55 16.27
C ASP A 282 21.04 -9.91 17.04
N GLN A 283 21.50 -8.73 16.66
CA GLN A 283 22.57 -8.02 17.36
C GLN A 283 21.99 -6.82 18.09
N GLU A 284 22.45 -6.59 19.31
CA GLU A 284 21.97 -5.42 20.04
C GLU A 284 22.45 -4.15 19.36
N GLY A 285 21.71 -3.07 19.58
CA GLY A 285 22.14 -1.80 19.08
C GLY A 285 21.01 -0.79 19.04
N PRO A 286 21.37 0.45 18.74
CA PRO A 286 20.35 1.50 18.64
C PRO A 286 19.54 1.39 17.35
N ALA A 287 18.32 1.90 17.39
CA ALA A 287 17.52 1.97 16.18
C ALA A 287 18.15 2.94 15.19
N ILE A 288 18.08 2.59 13.91
CA ILE A 288 18.71 3.37 12.86
C ILE A 288 17.71 4.38 12.33
N GLU A 289 18.09 5.65 12.33
CA GLU A 289 17.22 6.69 11.81
C GLU A 289 17.40 6.84 10.31
N PRO A 290 16.38 7.32 9.62
CA PRO A 290 16.57 7.69 8.21
C PRO A 290 17.64 8.76 8.09
N GLU A 291 18.30 8.79 6.94
CA GLU A 291 19.38 9.75 6.75
C GLU A 291 18.84 11.17 6.75
N LYS A 292 17.63 11.38 6.23
CA LYS A 292 16.92 12.65 6.31
C LYS A 292 15.57 12.44 6.98
N ALA A 293 15.23 13.34 7.89
CA ALA A 293 14.05 13.16 8.72
C ALA A 293 12.76 13.53 7.98
N GLU A 294 11.67 12.91 8.40
CA GLU A 294 10.34 13.22 7.88
C GLU A 294 9.83 14.54 8.45
N ASP A 295 8.91 15.17 7.71
CA ASP A 295 8.14 16.32 8.19
C ASP A 295 6.68 16.03 7.89
N THR A 296 5.98 15.48 8.88
CA THR A 296 4.56 15.14 8.76
C THR A 296 3.66 16.29 9.21
N LYS A 297 4.23 17.46 9.51
CA LYS A 297 3.49 18.60 10.06
C LYS A 297 2.89 19.42 8.91
N THR A 298 1.76 18.94 8.41
CA THR A 298 1.10 19.48 7.24
C THR A 298 -0.34 19.86 7.59
N VAL A 299 -0.93 20.68 6.71
CA VAL A 299 -2.31 21.12 6.93
C VAL A 299 -3.25 19.92 7.06
N GLN A 300 -3.09 18.94 6.16
CA GLN A 300 -4.02 17.81 6.17
C GLN A 300 -3.86 16.97 7.42
N ASN A 301 -2.64 16.93 7.99
CA ASN A 301 -2.40 16.30 9.27
C ASN A 301 -2.73 17.20 10.46
N GLY A 302 -3.23 18.41 10.23
CA GLY A 302 -3.75 19.26 11.28
C GLY A 302 -2.80 20.29 11.86
N TYR A 303 -1.73 20.66 11.15
CA TYR A 303 -0.81 21.71 11.57
C TYR A 303 -0.96 22.89 10.61
N PHE A 304 -1.54 23.99 11.09
CA PHE A 304 -1.79 25.13 10.24
C PHE A 304 -1.86 26.38 11.11
N GLU A 305 -1.86 27.54 10.46
CA GLU A 305 -1.94 28.84 11.12
C GLU A 305 -3.35 29.39 11.02
N ASP A 306 -3.79 30.06 12.09
CA ASP A 306 -5.11 30.70 12.11
C ASP A 306 -5.36 31.53 10.87
N ALA A 307 -4.33 32.20 10.34
CA ALA A 307 -4.53 33.15 9.25
C ALA A 307 -5.02 32.45 8.00
N ALA A 308 -4.72 31.15 7.85
CA ALA A 308 -5.06 30.35 6.67
C ALA A 308 -6.45 29.71 6.76
N VAL A 309 -7.09 29.72 7.91
CA VAL A 309 -8.43 29.18 8.06
C VAL A 309 -9.45 30.19 7.54
N LYS A 310 -10.30 29.75 6.60
CA LYS A 310 -11.24 30.61 5.91
C LYS A 310 -12.64 29.99 5.85
N ASP A 311 -13.65 30.85 5.88
CA ASP A 311 -15.01 30.38 5.72
C ASP A 311 -15.15 29.61 4.41
N ARG A 312 -16.11 28.69 4.38
CA ARG A 312 -16.37 27.89 3.18
C ARG A 312 -17.85 27.89 2.90
N THR A 313 -18.20 27.45 1.69
CA THR A 313 -19.58 27.33 1.28
C THR A 313 -19.90 25.87 1.08
N LEU A 314 -21.20 25.57 1.13
CA LEU A 314 -21.66 24.20 0.95
C LEU A 314 -21.18 23.62 -0.37
N SER A 315 -20.98 24.46 -1.38
CA SER A 315 -20.57 23.99 -2.70
C SER A 315 -19.22 23.27 -2.68
N ASP A 316 -18.38 23.50 -1.66
CA ASP A 316 -17.17 22.72 -1.57
C ASP A 316 -17.46 21.23 -1.43
N TYR A 317 -18.63 20.90 -0.88
CA TYR A 317 -19.00 19.52 -0.62
C TYR A 317 -19.98 18.98 -1.65
N ALA A 318 -20.21 19.72 -2.72
CA ALA A 318 -21.23 19.31 -3.66
C ALA A 318 -20.83 18.00 -4.34
N GLY A 319 -21.83 17.19 -4.59
CA GLY A 319 -21.63 15.91 -5.23
C GLY A 319 -22.55 14.89 -4.63
N ASN A 320 -22.37 13.66 -5.06
CA ASN A 320 -23.07 12.53 -4.53
C ASN A 320 -22.08 11.65 -3.76
N TRP A 321 -22.47 11.29 -2.54
CA TRP A 321 -21.55 10.73 -1.55
C TRP A 321 -22.13 9.48 -0.92
N GLN A 322 -21.30 8.46 -0.74
CA GLN A 322 -21.73 7.19 -0.18
C GLN A 322 -21.07 6.92 1.18
N SER A 323 -21.84 6.36 2.10
CA SER A 323 -21.30 5.94 3.39
C SER A 323 -20.27 4.84 3.19
N VAL A 324 -19.18 4.90 3.98
CA VAL A 324 -18.17 3.84 3.91
C VAL A 324 -18.50 2.67 4.82
N TYR A 325 -19.53 2.80 5.66
CA TYR A 325 -19.77 1.78 6.68
C TYR A 325 -20.01 0.39 6.09
N PRO A 326 -20.76 0.21 4.99
CA PRO A 326 -20.94 -1.15 4.48
C PRO A 326 -19.63 -1.86 4.12
N PHE A 327 -18.60 -1.11 3.75
CA PHE A 327 -17.31 -1.71 3.38
C PHE A 327 -16.47 -2.06 4.60
N LEU A 328 -16.74 -1.44 5.76
CA LEU A 328 -16.23 -2.01 6.99
C LEU A 328 -16.94 -3.32 7.27
N GLU A 329 -18.26 -3.31 7.20
CA GLU A 329 -19.06 -4.45 7.61
C GLU A 329 -18.74 -5.69 6.78
N ASP A 330 -18.53 -5.49 5.48
CA ASP A 330 -18.36 -6.66 4.57
C ASP A 330 -16.92 -7.18 4.53
N GLY A 331 -16.01 -6.51 5.21
CA GLY A 331 -14.63 -6.94 5.28
C GLY A 331 -13.68 -6.24 4.32
N THR A 332 -14.19 -5.39 3.41
CA THR A 332 -13.35 -4.73 2.42
C THR A 332 -12.23 -3.92 3.08
N PHE A 333 -12.47 -3.38 4.29
CA PHE A 333 -11.46 -2.60 4.99
C PHE A 333 -10.60 -3.41 5.96
N ASP A 334 -10.74 -4.73 6.03
CA ASP A 334 -9.95 -5.50 6.98
C ASP A 334 -8.44 -5.26 6.81
N GLN A 335 -7.96 -5.17 5.57
CA GLN A 335 -6.54 -4.86 5.37
C GLN A 335 -6.15 -3.50 5.92
N VAL A 336 -7.06 -2.52 5.89
CA VAL A 336 -6.76 -1.20 6.44
C VAL A 336 -6.45 -1.33 7.92
N PHE A 337 -7.27 -2.08 8.65
CA PHE A 337 -7.06 -2.22 10.08
C PHE A 337 -5.83 -3.06 10.38
N ASP A 338 -5.56 -4.08 9.56
CA ASP A 338 -4.30 -4.82 9.66
C ASP A 338 -3.08 -3.89 9.56
N TYR A 339 -3.07 -3.02 8.55
CA TYR A 339 -1.98 -2.06 8.38
C TYR A 339 -1.87 -1.12 9.58
N LYS A 340 -2.99 -0.58 10.05
CA LYS A 340 -2.88 0.35 11.17
C LYS A 340 -2.24 -0.33 12.38
N ALA A 341 -2.64 -1.56 12.69
CA ALA A 341 -2.04 -2.27 13.82
C ALA A 341 -0.54 -2.44 13.62
N LYS A 342 -0.12 -2.79 12.39
CA LYS A 342 1.30 -3.04 12.11
C LYS A 342 2.10 -1.75 12.08
N LEU A 343 1.47 -0.63 11.71
CA LEU A 343 2.17 0.65 11.64
C LEU A 343 2.38 1.27 13.01
N THR A 344 1.42 1.13 13.94
CA THR A 344 1.48 1.82 15.23
C THR A 344 1.76 0.91 16.42
N GLY A 345 1.22 -0.31 16.42
CA GLY A 345 1.27 -1.15 17.60
C GLY A 345 0.39 -0.69 18.73
N LYS A 346 -0.36 0.38 18.53
CA LYS A 346 -1.11 0.99 19.62
C LYS A 346 -2.43 0.27 19.88
N MET A 347 -3.07 -0.26 18.84
CA MET A 347 -4.24 -1.11 18.97
C MET A 347 -4.01 -2.31 18.07
N THR A 348 -4.68 -3.42 18.40
CA THR A 348 -4.72 -4.57 17.52
C THR A 348 -5.64 -4.29 16.36
N GLN A 349 -5.55 -5.16 15.35
CA GLN A 349 -6.46 -5.10 14.21
C GLN A 349 -7.92 -5.11 14.64
N ALA A 350 -8.28 -6.03 15.55
CA ALA A 350 -9.66 -6.08 16.02
C ALA A 350 -10.06 -4.80 16.74
N GLU A 351 -9.15 -4.26 17.57
CA GLU A 351 -9.45 -3.02 18.28
C GLU A 351 -9.65 -1.87 17.31
N TYR A 352 -8.84 -1.80 16.26
CA TYR A 352 -9.02 -0.74 15.27
C TYR A 352 -10.34 -0.92 14.56
N LYS A 353 -10.70 -2.16 14.22
CA LYS A 353 -11.96 -2.39 13.55
C LYS A 353 -13.13 -1.98 14.44
N ALA A 354 -13.04 -2.26 15.75
CA ALA A 354 -14.11 -1.86 16.66
C ALA A 354 -14.20 -0.35 16.75
N TYR A 355 -13.04 0.32 16.76
CA TYR A 355 -13.00 1.77 16.84
C TYR A 355 -13.67 2.39 15.62
N TYR A 356 -13.36 1.86 14.43
CA TYR A 356 -13.95 2.40 13.21
C TYR A 356 -15.40 1.93 13.01
N THR A 357 -15.81 0.84 13.65
CA THR A 357 -17.23 0.47 13.65
C THR A 357 -18.05 1.56 14.34
N LYS A 358 -17.62 1.96 15.53
CA LYS A 358 -18.29 3.06 16.23
C LYS A 358 -18.24 4.33 15.39
N GLY A 359 -17.08 4.60 14.75
CA GLY A 359 -16.92 5.83 14.01
C GLY A 359 -17.80 5.92 12.77
N TYR A 360 -17.83 4.86 11.99
CA TYR A 360 -18.50 4.91 10.72
C TYR A 360 -19.97 4.57 10.79
N GLN A 361 -20.45 3.94 11.87
CA GLN A 361 -21.81 3.41 11.89
C GLN A 361 -22.84 4.52 11.60
N THR A 362 -23.75 4.23 10.68
CA THR A 362 -24.82 5.16 10.33
C THR A 362 -25.82 4.40 9.46
N ASP A 363 -27.07 4.91 9.46
CA ASP A 363 -28.08 4.43 8.53
C ASP A 363 -28.28 5.40 7.38
N VAL A 364 -27.47 6.45 7.29
CA VAL A 364 -27.47 7.38 6.17
C VAL A 364 -26.53 6.80 5.12
N THR A 365 -27.09 6.13 4.12
CA THR A 365 -26.31 5.39 3.15
C THR A 365 -25.72 6.27 2.08
N LYS A 366 -26.34 7.42 1.83
CA LYS A 366 -25.98 8.33 0.76
C LYS A 366 -26.37 9.73 1.16
N ILE A 367 -25.59 10.70 0.72
CA ILE A 367 -25.85 12.12 0.88
C ILE A 367 -25.58 12.82 -0.45
N ASN A 368 -26.58 13.53 -0.96
CA ASN A 368 -26.40 14.31 -2.17
C ASN A 368 -26.42 15.77 -1.78
N ILE A 369 -25.40 16.50 -2.19
CA ILE A 369 -25.18 17.86 -1.76
C ILE A 369 -25.07 18.77 -2.98
N THR A 370 -25.80 19.90 -2.95
CA THR A 370 -25.73 20.93 -3.97
C THR A 370 -25.15 22.19 -3.35
N ASP A 371 -25.20 23.27 -4.10
CA ASP A 371 -24.79 24.56 -3.56
C ASP A 371 -25.61 24.94 -2.34
N ASN A 372 -26.88 24.51 -2.27
CA ASN A 372 -27.79 24.99 -1.20
C ASN A 372 -28.48 23.91 -0.39
N THR A 373 -28.36 22.64 -0.75
CA THR A 373 -29.23 21.62 -0.17
C THR A 373 -28.38 20.42 0.16
N MET A 374 -28.83 19.66 1.16
CA MET A 374 -28.39 18.30 1.41
C MET A 374 -29.57 17.36 1.45
N GLU A 375 -29.38 16.19 0.86
CA GLU A 375 -30.38 15.14 0.74
C GLU A 375 -29.81 13.88 1.37
N PHE A 376 -30.51 13.37 2.38
CA PHE A 376 -30.05 12.24 3.20
C PHE A 376 -30.89 11.02 2.89
N VAL A 377 -30.25 9.94 2.48
CA VAL A 377 -30.94 8.70 2.14
C VAL A 377 -30.87 7.75 3.32
N GLN A 378 -32.03 7.32 3.80
CA GLN A 378 -32.16 6.32 4.85
C GLN A 378 -33.28 5.37 4.47
N GLY A 379 -33.02 4.07 4.52
CA GLY A 379 -34.03 3.09 4.16
C GLY A 379 -34.55 3.21 2.74
N GLY A 380 -33.71 3.70 1.83
CA GLY A 380 -34.11 3.84 0.43
C GLY A 380 -35.04 5.00 0.17
N GLN A 381 -35.27 5.85 1.16
CA GLN A 381 -36.06 7.06 1.00
C GLN A 381 -35.21 8.24 1.41
N SER A 382 -35.57 9.42 0.94
CA SER A 382 -34.72 10.58 1.13
C SER A 382 -35.45 11.69 1.86
N LYS A 383 -34.67 12.46 2.61
CA LYS A 383 -35.09 13.70 3.24
C LYS A 383 -34.13 14.79 2.79
N LYS A 384 -34.66 15.88 2.25
CA LYS A 384 -33.85 16.94 1.71
C LYS A 384 -34.21 18.26 2.35
N TYR A 385 -33.20 19.03 2.74
CA TYR A 385 -33.37 20.31 3.43
C TYR A 385 -32.42 21.31 2.80
N THR A 386 -32.76 22.59 2.94
CA THR A 386 -31.91 23.68 2.51
C THR A 386 -31.04 24.10 3.68
N TYR A 387 -29.79 24.43 3.40
CA TYR A 387 -28.80 24.67 4.45
C TYR A 387 -28.18 26.04 4.27
N LYS A 388 -27.97 26.72 5.40
CA LYS A 388 -27.17 27.93 5.42
C LYS A 388 -25.88 27.69 6.21
N TYR A 389 -24.82 28.32 5.74
CA TYR A 389 -23.58 28.35 6.48
C TYR A 389 -23.77 29.17 7.74
N VAL A 390 -23.24 28.69 8.86
CA VAL A 390 -23.30 29.43 10.11
C VAL A 390 -21.92 29.73 10.70
N GLY A 391 -20.86 29.09 10.24
CA GLY A 391 -19.52 29.43 10.66
C GLY A 391 -18.65 28.19 10.76
N LYS A 392 -17.60 28.32 11.59
CA LYS A 392 -16.54 27.32 11.68
C LYS A 392 -16.02 27.28 13.11
N LYS A 393 -15.31 26.20 13.42
CA LYS A 393 -14.81 25.97 14.76
C LYS A 393 -13.52 25.17 14.68
N ILE A 394 -12.47 25.70 15.29
CA ILE A 394 -11.16 25.05 15.28
C ILE A 394 -11.04 24.24 16.55
N LEU A 395 -10.86 22.93 16.41
CA LEU A 395 -10.62 22.05 17.54
C LEU A 395 -9.15 21.69 17.63
N THR A 396 -8.68 21.51 18.86
CA THR A 396 -7.32 21.09 19.13
C THR A 396 -7.36 19.67 19.70
N TYR A 397 -6.51 18.79 19.17
CA TYR A 397 -6.50 17.40 19.60
C TYR A 397 -5.30 17.14 20.52
N LYS A 398 -5.38 16.02 21.25
CA LYS A 398 -4.35 15.65 22.22
C LYS A 398 -2.94 15.75 21.62
N LYS A 399 -2.79 15.23 20.41
CA LYS A 399 -1.50 15.20 19.73
C LYS A 399 -0.84 16.57 19.63
N GLY A 400 -1.61 17.65 19.72
CA GLY A 400 -1.10 18.98 19.48
C GLY A 400 -1.46 19.55 18.12
N ASN A 401 -2.07 18.74 17.26
CA ASN A 401 -2.56 19.22 15.99
C ASN A 401 -4.01 19.65 16.15
N ARG A 402 -4.61 20.16 15.07
CA ARG A 402 -5.92 20.77 15.12
C ARG A 402 -6.73 20.31 13.92
N GLY A 403 -8.02 20.65 13.93
CA GLY A 403 -8.89 20.44 12.78
C GLY A 403 -10.03 21.43 12.81
N VAL A 404 -10.57 21.73 11.64
CA VAL A 404 -11.63 22.74 11.48
C VAL A 404 -12.94 22.06 11.09
N ARG A 405 -13.99 22.32 11.85
CA ARG A 405 -15.33 21.91 11.49
C ARG A 405 -16.06 23.08 10.87
N PHE A 406 -16.73 22.82 9.76
CA PHE A 406 -17.50 23.84 9.04
C PHE A 406 -18.97 23.55 9.25
N LEU A 407 -19.71 24.56 9.72
CA LEU A 407 -21.00 24.38 10.35
C LEU A 407 -22.13 24.88 9.45
N PHE A 408 -23.22 24.14 9.42
CA PHE A 408 -24.37 24.49 8.61
C PHE A 408 -25.63 24.18 9.42
N GLU A 409 -26.72 24.90 9.10
CA GLU A 409 -27.99 24.68 9.75
C GLU A 409 -29.12 24.61 8.72
N ALA A 410 -30.02 23.64 8.88
CA ALA A 410 -31.18 23.49 8.01
C ALA A 410 -32.23 24.54 8.36
N THR A 411 -32.92 25.01 7.33
CA THR A 411 -33.91 26.07 7.53
C THR A 411 -35.32 25.56 7.68
N ASP A 412 -35.52 24.26 7.81
CA ASP A 412 -36.84 23.66 7.91
C ASP A 412 -37.15 23.37 9.38
N ALA A 413 -38.40 23.65 9.77
CA ALA A 413 -38.82 23.27 11.12
C ALA A 413 -38.72 21.76 11.33
N ASP A 414 -38.93 20.98 10.27
CA ASP A 414 -38.99 19.52 10.34
C ASP A 414 -37.65 18.84 10.11
N ALA A 415 -36.52 19.51 10.36
CA ALA A 415 -35.24 18.94 9.98
C ALA A 415 -34.78 17.83 10.93
N GLY A 416 -35.22 17.85 12.18
CA GLY A 416 -34.92 16.74 13.07
C GLY A 416 -33.42 16.57 13.25
N GLN A 417 -32.96 15.31 13.16
CA GLN A 417 -31.55 15.00 13.37
C GLN A 417 -30.63 15.67 12.35
N PHE A 418 -31.18 16.28 11.30
CA PHE A 418 -30.36 16.94 10.31
C PHE A 418 -30.38 18.45 10.43
N LYS A 419 -30.94 18.98 11.51
CA LYS A 419 -31.01 20.42 11.68
C LYS A 419 -29.62 21.05 11.70
N TYR A 420 -28.67 20.43 12.43
CA TYR A 420 -27.30 20.92 12.57
C TYR A 420 -26.33 19.94 11.90
N VAL A 421 -25.41 20.47 11.09
CA VAL A 421 -24.50 19.67 10.25
C VAL A 421 -23.12 20.28 10.31
N GLN A 422 -22.11 19.46 10.59
CA GLN A 422 -20.71 19.89 10.58
C GLN A 422 -19.88 18.94 9.72
N PHE A 423 -19.00 19.51 8.89
CA PHE A 423 -18.11 18.77 8.00
C PHE A 423 -16.68 18.88 8.49
N SER A 424 -15.99 17.75 8.48
CA SER A 424 -14.54 17.69 8.67
C SER A 424 -13.93 16.93 7.50
N ASP A 425 -12.99 17.57 6.83
CA ASP A 425 -12.41 16.98 5.63
C ASP A 425 -10.91 17.23 5.49
N HIS A 426 -10.22 17.62 6.56
CA HIS A 426 -8.78 17.86 6.61
C HIS A 426 -8.36 19.10 5.85
N ASN A 427 -9.31 19.89 5.35
CA ASN A 427 -9.05 21.20 4.77
C ASN A 427 -9.49 22.30 5.73
N ILE A 428 -8.96 23.50 5.49
CA ILE A 428 -9.21 24.64 6.36
C ILE A 428 -9.74 25.87 5.63
N ALA A 429 -9.96 25.77 4.32
CA ALA A 429 -10.32 26.92 3.50
C ALA A 429 -10.94 26.39 2.23
N PRO A 430 -11.59 27.24 1.44
CA PRO A 430 -12.25 26.77 0.22
C PRO A 430 -11.43 25.84 -0.65
N VAL A 431 -12.02 24.69 -0.95
CA VAL A 431 -11.46 23.68 -1.84
C VAL A 431 -12.49 22.55 -1.89
N LYS A 432 -12.56 21.84 -3.02
CA LYS A 432 -13.48 20.72 -3.14
C LYS A 432 -13.05 19.56 -2.24
N ALA A 433 -13.96 19.10 -1.39
CA ALA A 433 -13.68 17.94 -0.55
C ALA A 433 -13.43 16.69 -1.41
N GLU A 434 -12.48 15.85 -0.98
CA GLU A 434 -12.33 14.50 -1.56
C GLU A 434 -13.04 13.43 -0.76
N HIS A 435 -13.23 13.64 0.55
CA HIS A 435 -14.06 12.82 1.39
C HIS A 435 -14.40 13.66 2.60
N PHE A 436 -15.38 13.23 3.38
CA PHE A 436 -15.62 13.98 4.59
C PHE A 436 -16.14 13.09 5.70
N HIS A 437 -15.97 13.59 6.91
CA HIS A 437 -16.61 13.07 8.12
C HIS A 437 -17.67 14.08 8.52
N ILE A 438 -18.88 13.60 8.78
CA ILE A 438 -20.00 14.50 9.02
C ILE A 438 -20.61 14.25 10.40
N PHE A 439 -20.81 15.35 11.15
CA PHE A 439 -21.49 15.34 12.42
C PHE A 439 -22.84 16.02 12.22
N PHE A 440 -23.92 15.34 12.57
CA PHE A 440 -25.24 15.93 12.45
C PHE A 440 -26.09 15.58 13.66
N GLY A 441 -27.00 16.51 14.01
CA GLY A 441 -27.94 16.29 15.10
C GLY A 441 -28.98 17.38 15.13
N GLY A 442 -29.94 17.20 16.05
CA GLY A 442 -31.05 18.13 16.19
C GLY A 442 -31.02 19.00 17.42
N THR A 443 -29.93 19.04 18.17
CA THR A 443 -29.88 19.76 19.44
C THR A 443 -29.17 21.09 19.32
N SER A 444 -27.88 21.06 19.00
CA SER A 444 -27.11 22.29 18.88
C SER A 444 -25.81 21.97 18.20
N GLN A 445 -25.12 23.03 17.74
CA GLN A 445 -23.77 22.84 17.26
C GLN A 445 -22.84 22.42 18.39
N GLU A 446 -23.05 23.00 19.57
CA GLU A 446 -22.10 22.78 20.65
C GLU A 446 -22.07 21.31 21.05
N THR A 447 -23.24 20.66 21.13
CA THR A 447 -23.23 19.25 21.48
C THR A 447 -22.46 18.43 20.46
N LEU A 448 -22.47 18.85 19.19
CA LEU A 448 -21.74 18.07 18.18
C LEU A 448 -20.24 18.27 18.31
N PHE A 449 -19.80 19.42 18.84
CA PHE A 449 -18.38 19.66 19.02
C PHE A 449 -17.75 18.65 19.98
N GLU A 450 -18.54 18.14 20.90
CA GLU A 450 -18.03 17.20 21.88
C GLU A 450 -18.07 15.77 21.36
N GLU A 451 -18.68 15.54 20.20
CA GLU A 451 -18.73 14.19 19.64
C GLU A 451 -17.37 13.78 19.10
N MET A 452 -16.86 12.66 19.59
CA MET A 452 -15.56 12.17 19.17
C MET A 452 -15.58 10.70 18.82
N ASP A 453 -16.72 10.01 18.95
CA ASP A 453 -16.78 8.57 18.76
C ASP A 453 -17.51 8.15 17.50
N ASN A 454 -18.49 8.91 17.05
CA ASN A 454 -19.28 8.60 15.85
C ASN A 454 -19.07 9.74 14.85
N TRP A 455 -18.62 9.38 13.65
CA TRP A 455 -18.28 10.35 12.61
C TRP A 455 -18.53 9.69 11.26
N PRO A 456 -19.79 9.51 10.90
CA PRO A 456 -20.14 8.92 9.60
C PRO A 456 -19.30 9.55 8.50
N THR A 457 -18.78 8.69 7.60
CA THR A 457 -17.71 9.03 6.68
C THR A 457 -18.13 8.68 5.26
N TYR A 458 -17.86 9.61 4.34
CA TYR A 458 -18.43 9.58 2.99
C TYR A 458 -17.34 9.83 1.96
N TYR A 459 -17.37 9.03 0.89
CA TYR A 459 -16.52 9.18 -0.28
C TYR A 459 -17.41 9.31 -1.52
N PRO A 460 -16.86 9.76 -2.65
CA PRO A 460 -17.71 9.93 -3.84
C PRO A 460 -18.41 8.64 -4.23
N ASP A 461 -19.68 8.79 -4.62
CA ASP A 461 -20.48 7.66 -5.09
C ASP A 461 -19.86 6.96 -6.29
N ASN A 462 -19.03 7.66 -7.08
CA ASN A 462 -18.41 7.13 -8.30
C ASN A 462 -17.30 6.12 -7.99
N LEU A 463 -16.96 5.89 -6.71
CA LEU A 463 -15.93 4.94 -6.32
C LEU A 463 -16.52 3.60 -5.88
N SER A 464 -15.73 2.55 -6.07
CA SER A 464 -16.01 1.27 -5.45
C SER A 464 -15.46 1.24 -4.04
N GLY A 465 -15.97 0.30 -3.25
CA GLY A 465 -15.44 0.11 -1.91
C GLY A 465 -13.95 -0.19 -1.92
N GLN A 466 -13.52 -1.02 -2.87
CA GLN A 466 -12.11 -1.33 -3.02
C GLN A 466 -11.29 -0.07 -3.28
N GLU A 467 -11.79 0.81 -4.16
CA GLU A 467 -11.11 2.07 -4.43
C GLU A 467 -11.08 2.96 -3.20
N ILE A 468 -12.17 2.99 -2.42
CA ILE A 468 -12.16 3.77 -1.19
C ILE A 468 -11.11 3.23 -0.24
N ALA A 469 -11.02 1.91 -0.12
CA ALA A 469 -10.06 1.31 0.78
C ALA A 469 -8.64 1.72 0.40
N GLN A 470 -8.32 1.70 -0.89
CA GLN A 470 -6.97 2.07 -1.29
C GLN A 470 -6.74 3.56 -1.10
N GLU A 471 -7.76 4.38 -1.34
CA GLU A 471 -7.61 5.81 -1.13
C GLU A 471 -7.34 6.13 0.34
N MET A 472 -7.93 5.34 1.25
CA MET A 472 -7.71 5.59 2.68
CA MET A 472 -7.71 5.55 2.68
C MET A 472 -6.25 5.41 3.08
N LEU A 473 -5.49 4.65 2.32
CA LEU A 473 -4.11 4.39 2.64
C LEU A 473 -3.16 5.32 1.90
N ALA A 474 -3.68 6.18 1.04
CA ALA A 474 -2.83 7.04 0.25
C ALA A 474 -2.41 8.24 1.10
N HIS A 475 -1.46 9.03 0.57
CA HIS A 475 -0.94 10.20 1.30
C HIS A 475 0.11 9.76 2.31
#